data_8BNB
#
_entry.id   8BNB
#
_cell.length_a   32.781
_cell.length_b   32.946
_cell.length_c   42.710
_cell.angle_alpha   93.630
_cell.angle_beta   95.650
_cell.angle_gamma   113.740
#
_symmetry.space_group_name_H-M   'P 1'
#
loop_
_entity.id
_entity.type
_entity.pdbx_description
1 polymer 'Leucine-rich repeat-containing protein 1'
2 water water
#
_entity_poly.entity_id   1
_entity_poly.type   'polypeptide(L)'
_entity_poly.pdbx_seq_one_letter_code
;GPLGSTIITSLQRKEGHSLGFSITGGFKQADGQYSGIYISKIAKDSIAAVDGKLSAGDILLKINDESMTNVPHSRAVQML
RSEGKIITIVASRQQ
;
_entity_poly.pdbx_strand_id   A,B
#
# COMPACT_ATOMS: atom_id res chain seq x y z
N GLY A 1 -14.69 -2.25 10.82
CA GLY A 1 -14.24 -1.78 9.47
C GLY A 1 -12.73 -1.90 9.29
N PRO A 2 -12.26 -1.78 8.05
CA PRO A 2 -10.82 -1.88 7.81
C PRO A 2 -10.09 -0.62 8.27
N LEU A 3 -8.93 -0.83 8.89
CA LEU A 3 -8.10 0.26 9.37
C LEU A 3 -6.66 0.00 8.98
N GLY A 4 -5.94 1.07 8.63
CA GLY A 4 -4.55 0.94 8.23
C GLY A 4 -3.70 2.13 8.63
N SER A 5 -2.78 1.90 9.55
CA SER A 5 -1.89 2.96 10.01
C SER A 5 -0.73 3.12 9.04
N THR A 6 -0.43 4.38 8.70
CA THR A 6 0.67 4.70 7.81
C THR A 6 1.93 4.93 8.63
N ILE A 7 2.93 4.08 8.44
CA ILE A 7 4.16 4.08 9.20
C ILE A 7 5.27 4.66 8.33
N ILE A 8 5.93 5.71 8.80
CA ILE A 8 7.07 6.31 8.11
C ILE A 8 8.21 6.41 9.11
N THR A 9 9.36 5.84 8.76
CA THR A 9 10.50 5.91 9.67
C THR A 9 11.79 5.88 8.89
N SER A 10 12.79 6.62 9.39
CA SER A 10 14.11 6.68 8.79
C SER A 10 15.12 5.96 9.67
N LEU A 11 15.86 5.04 9.09
CA LEU A 11 16.86 4.24 9.79
C LEU A 11 18.25 4.62 9.28
N GLN A 12 19.22 4.58 10.20
CA GLN A 12 20.61 4.88 9.88
C GLN A 12 21.42 3.59 9.98
N ARG A 13 22.06 3.22 8.88
CA ARG A 13 22.92 2.03 8.89
C ARG A 13 24.06 2.23 9.89
N LYS A 14 24.43 1.14 10.55
CA LYS A 14 25.57 1.12 11.47
C LYS A 14 26.59 0.12 10.97
N GLU A 15 27.84 0.55 10.84
CA GLU A 15 28.90 -0.36 10.41
C GLU A 15 28.91 -1.59 11.29
N GLY A 16 28.78 -2.76 10.67
CA GLY A 16 28.69 -4.00 11.40
C GLY A 16 27.27 -4.44 11.72
N HIS A 17 26.28 -3.60 11.48
CA HIS A 17 24.88 -3.94 11.73
C HIS A 17 24.10 -3.87 10.42
N SER A 18 23.09 -4.73 10.30
CA SER A 18 22.11 -4.65 9.23
C SER A 18 20.82 -4.03 9.76
N LEU A 19 19.92 -3.68 8.84
CA LEU A 19 18.64 -3.12 9.24
C LEU A 19 17.92 -4.07 10.21
N GLY A 20 18.02 -5.37 9.97
CA GLY A 20 17.54 -6.34 10.93
C GLY A 20 16.10 -6.78 10.75
N PHE A 21 15.53 -6.63 9.55
CA PHE A 21 14.20 -7.15 9.28
C PHE A 21 14.22 -7.94 7.98
N SER A 22 13.58 -9.10 8.01
CA SER A 22 13.38 -9.91 6.82
C SER A 22 12.08 -9.52 6.14
N ILE A 23 12.00 -9.77 4.85
CA ILE A 23 10.81 -9.45 4.08
C ILE A 23 10.37 -10.69 3.30
N THR A 24 9.08 -10.71 2.96
CA THR A 24 8.49 -11.75 2.13
C THR A 24 7.56 -11.08 1.13
N GLY A 25 7.13 -11.86 0.14
CA GLY A 25 6.24 -11.35 -0.88
C GLY A 25 6.97 -10.97 -2.16
N GLY A 26 6.33 -10.10 -2.93
CA GLY A 26 6.89 -9.72 -4.21
C GLY A 26 6.92 -10.87 -5.20
N PHE A 27 5.91 -11.73 -5.16
CA PHE A 27 5.83 -12.90 -6.02
C PHE A 27 5.05 -12.58 -7.28
N LYS A 28 5.44 -13.23 -8.38
CA LYS A 28 4.79 -13.00 -9.65
C LYS A 28 3.40 -13.64 -9.66
N GLN A 29 2.39 -12.84 -9.95
CA GLN A 29 1.01 -13.32 -9.99
C GLN A 29 0.67 -13.79 -11.40
N ALA A 30 -0.39 -14.60 -11.49
CA ALA A 30 -0.82 -15.11 -12.79
C ALA A 30 -1.18 -13.99 -13.74
N ASP A 31 -1.68 -12.87 -13.21
CA ASP A 31 -2.06 -11.73 -14.05
C ASP A 31 -0.86 -10.88 -14.47
N GLY A 32 0.36 -11.26 -14.08
CA GLY A 32 1.56 -10.56 -14.47
C GLY A 32 2.09 -9.58 -13.43
N GLN A 33 1.25 -9.14 -12.50
CA GLN A 33 1.70 -8.25 -11.44
C GLN A 33 2.44 -9.03 -10.36
N TYR A 34 3.11 -8.29 -9.49
CA TYR A 34 3.89 -8.87 -8.40
C TYR A 34 3.20 -8.58 -7.07
N SER A 35 3.08 -9.61 -6.23
CA SER A 35 2.36 -9.48 -4.97
C SER A 35 3.04 -8.46 -4.06
N GLY A 36 2.30 -8.03 -3.04
CA GLY A 36 2.83 -7.08 -2.10
C GLY A 36 3.98 -7.65 -1.30
N ILE A 37 4.83 -6.75 -0.81
CA ILE A 37 6.01 -7.10 -0.02
C ILE A 37 5.75 -6.71 1.42
N TYR A 38 5.97 -7.66 2.33
CA TYR A 38 5.69 -7.48 3.75
C TYR A 38 6.96 -7.68 4.56
N ILE A 39 6.97 -7.09 5.76
CA ILE A 39 7.98 -7.40 6.75
C ILE A 39 7.59 -8.72 7.42
N SER A 40 8.49 -9.70 7.37
CA SER A 40 8.21 -11.01 7.95
C SER A 40 8.63 -11.11 9.41
N LYS A 41 9.85 -10.70 9.74
CA LYS A 41 10.35 -10.77 11.11
C LYS A 41 11.36 -9.66 11.33
N ILE A 42 11.58 -9.32 12.60
CA ILE A 42 12.53 -8.29 13.00
C ILE A 42 13.38 -8.85 14.13
N ALA A 43 14.71 -8.85 13.94
CA ALA A 43 15.61 -9.33 14.97
C ALA A 43 15.51 -8.47 16.22
N LYS A 44 15.36 -9.12 17.37
CA LYS A 44 15.11 -8.38 18.62
C LYS A 44 16.19 -7.34 18.89
N ASP A 45 17.43 -7.61 18.50
CA ASP A 45 18.53 -6.67 18.67
C ASP A 45 18.99 -6.25 17.28
N SER A 46 18.50 -5.11 16.81
CA SER A 46 18.80 -4.62 15.48
C SER A 46 18.34 -3.18 15.38
N ILE A 47 18.77 -2.51 14.31
CA ILE A 47 18.45 -1.09 14.15
C ILE A 47 16.95 -0.88 14.06
N ALA A 48 16.25 -1.74 13.31
CA ALA A 48 14.81 -1.58 13.19
C ALA A 48 14.11 -1.84 14.51
N ALA A 49 14.55 -2.87 15.24
CA ALA A 49 13.94 -3.16 16.54
C ALA A 49 14.15 -2.01 17.52
N VAL A 50 15.37 -1.47 17.57
CA VAL A 50 15.63 -0.33 18.46
C VAL A 50 14.79 0.87 18.05
N ASP A 51 14.64 1.10 16.74
CA ASP A 51 13.76 2.17 16.28
C ASP A 51 12.35 1.96 16.80
N GLY A 52 11.82 0.74 16.68
CA GLY A 52 10.56 0.38 17.26
C GLY A 52 9.33 0.75 16.46
N LYS A 53 9.48 1.52 15.38
CA LYS A 53 8.31 1.97 14.62
C LYS A 53 7.75 0.85 13.75
N LEU A 54 8.62 0.11 13.07
CA LEU A 54 8.16 -0.96 12.18
C LEU A 54 7.80 -2.21 12.98
N SER A 55 7.03 -3.08 12.35
CA SER A 55 6.59 -4.32 12.99
C SER A 55 6.35 -5.37 11.93
N ALA A 56 6.56 -6.64 12.31
CA ALA A 56 6.29 -7.75 11.41
C ALA A 56 4.82 -7.74 11.00
N GLY A 57 4.57 -8.05 9.73
CA GLY A 57 3.24 -7.98 9.15
C GLY A 57 2.97 -6.71 8.39
N ASP A 58 3.77 -5.66 8.60
CA ASP A 58 3.61 -4.42 7.84
C ASP A 58 3.91 -4.66 6.37
N ILE A 59 3.14 -4.01 5.50
CA ILE A 59 3.38 -4.06 4.06
C ILE A 59 4.26 -2.88 3.68
N LEU A 60 5.35 -3.15 2.98
CA LEU A 60 6.26 -2.09 2.57
C LEU A 60 5.73 -1.43 1.31
N LEU A 61 5.56 -0.11 1.37
CA LEU A 61 5.07 0.67 0.24
C LEU A 61 6.13 1.49 -0.45
N LYS A 62 7.15 1.95 0.28
CA LYS A 62 8.17 2.80 -0.32
C LYS A 62 9.48 2.66 0.45
N ILE A 63 10.60 2.63 -0.28
CA ILE A 63 11.93 2.57 0.32
C ILE A 63 12.81 3.58 -0.42
N ASN A 64 13.16 4.67 0.24
CA ASN A 64 13.99 5.72 -0.33
C ASN A 64 13.50 6.12 -1.72
N ASP A 65 12.26 6.62 -1.76
CA ASP A 65 11.63 7.14 -2.96
C ASP A 65 11.35 6.09 -4.02
N GLU A 66 11.56 4.81 -3.71
CA GLU A 66 11.29 3.71 -4.64
C GLU A 66 10.04 2.97 -4.17
N SER A 67 9.03 2.91 -5.03
CA SER A 67 7.81 2.21 -4.69
C SER A 67 8.05 0.71 -4.65
N MET A 68 7.38 0.05 -3.70
CA MET A 68 7.47 -1.40 -3.54
C MET A 68 6.21 -2.11 -4.02
N THR A 69 5.29 -1.39 -4.67
CA THR A 69 4.04 -1.97 -5.15
C THR A 69 4.22 -2.47 -6.58
N ASN A 70 3.86 -3.73 -6.82
CA ASN A 70 4.06 -4.37 -8.11
C ASN A 70 5.53 -4.41 -8.48
N VAL A 71 6.36 -4.78 -7.50
CA VAL A 71 7.81 -4.86 -7.66
C VAL A 71 8.27 -6.25 -7.25
N PRO A 72 9.15 -6.90 -8.01
CA PRO A 72 9.61 -8.24 -7.63
C PRO A 72 10.43 -8.24 -6.35
N HIS A 73 10.50 -9.43 -5.74
CA HIS A 73 11.21 -9.59 -4.47
C HIS A 73 12.68 -9.20 -4.60
N SER A 74 13.34 -9.66 -5.66
CA SER A 74 14.76 -9.39 -5.84
C SER A 74 15.05 -7.89 -5.90
N ARG A 75 14.16 -7.12 -6.53
CA ARG A 75 14.38 -5.68 -6.63
C ARG A 75 14.30 -5.01 -5.26
N ALA A 76 13.33 -5.41 -4.45
CA ALA A 76 13.23 -4.85 -3.10
C ALA A 76 14.45 -5.23 -2.27
N VAL A 77 14.93 -6.47 -2.42
CA VAL A 77 16.11 -6.89 -1.67
C VAL A 77 17.32 -6.06 -2.08
N GLN A 78 17.56 -5.95 -3.40
CA GLN A 78 18.70 -5.20 -3.89
C GLN A 78 18.61 -3.73 -3.49
N MET A 79 17.40 -3.19 -3.38
CA MET A 79 17.24 -1.79 -3.01
C MET A 79 17.53 -1.56 -1.53
N LEU A 80 17.28 -2.57 -0.70
CA LEU A 80 17.65 -2.50 0.72
C LEU A 80 19.09 -2.90 0.98
N ARG A 81 19.84 -3.30 -0.03
CA ARG A 81 21.26 -3.59 0.13
C ARG A 81 22.12 -2.50 -0.46
N GLU A 83 19.84 2.02 -0.24
CA GLU A 83 21.12 1.34 -0.15
C GLU A 83 22.14 2.18 0.61
N GLY A 84 21.90 3.49 0.67
CA GLY A 84 22.82 4.38 1.33
C GLY A 84 22.72 4.27 2.85
N LYS A 85 23.36 5.25 3.50
CA LYS A 85 23.43 5.25 4.96
C LYS A 85 22.07 5.47 5.60
N ILE A 86 21.16 6.19 4.93
CA ILE A 86 19.85 6.52 5.46
C ILE A 86 18.79 5.85 4.61
N ILE A 87 17.91 5.09 5.27
CA ILE A 87 16.85 4.33 4.60
C ILE A 87 15.53 4.82 5.18
N THR A 88 14.75 5.56 4.38
CA THR A 88 13.43 6.02 4.77
C THR A 88 12.39 5.04 4.23
N ILE A 89 11.62 4.44 5.13
CA ILE A 89 10.67 3.38 4.80
C ILE A 89 9.26 3.88 5.08
N VAL A 90 8.36 3.61 4.14
CA VAL A 90 6.94 3.89 4.26
C VAL A 90 6.21 2.56 4.12
N ALA A 91 5.43 2.20 5.14
CA ALA A 91 4.70 0.94 5.18
C ALA A 91 3.30 1.19 5.72
N SER A 92 2.48 0.14 5.69
CA SER A 92 1.12 0.21 6.22
C SER A 92 0.86 -0.99 7.11
N ARG A 93 0.20 -0.72 8.25
CA ARG A 93 -0.10 -1.74 9.25
C ARG A 93 -1.61 -1.90 9.33
N GLN A 94 -2.11 -3.07 8.97
CA GLN A 94 -3.54 -3.32 8.91
C GLN A 94 -4.07 -3.81 10.25
N GLN A 95 -5.25 -3.30 10.62
CA GLN A 95 -5.96 -3.76 11.81
C GLN A 95 -7.47 -3.57 11.62
N GLY B 1 4.50 -15.60 5.86
CA GLY B 1 3.16 -15.59 6.53
C GLY B 1 2.18 -14.65 5.88
N PRO B 2 2.51 -13.35 5.86
CA PRO B 2 1.60 -12.38 5.24
C PRO B 2 1.63 -12.50 3.72
N LEU B 3 0.45 -12.40 3.12
CA LEU B 3 0.30 -12.49 1.67
C LEU B 3 -0.58 -11.34 1.20
N GLY B 4 -0.23 -10.77 0.05
CA GLY B 4 -0.96 -9.63 -0.47
C GLY B 4 -1.00 -9.58 -1.99
N SER B 5 -2.20 -9.72 -2.56
CA SER B 5 -2.36 -9.68 -3.99
C SER B 5 -2.43 -8.24 -4.48
N THR B 6 -1.69 -7.93 -5.54
CA THR B 6 -1.68 -6.60 -6.13
C THR B 6 -2.72 -6.56 -7.25
N ILE B 7 -3.74 -5.73 -7.08
CA ILE B 7 -4.86 -5.63 -8.00
C ILE B 7 -4.71 -4.33 -8.80
N ILE B 8 -4.68 -4.44 -10.12
CA ILE B 8 -4.62 -3.29 -11.01
C ILE B 8 -5.76 -3.43 -12.01
N THR B 9 -6.62 -2.42 -12.09
CA THR B 9 -7.74 -2.49 -13.02
C THR B 9 -8.14 -1.09 -13.48
N SER B 10 -8.57 -1.01 -14.73
CA SER B 10 -9.03 0.24 -15.33
C SER B 10 -10.54 0.19 -15.51
N LEU B 11 -11.22 1.22 -14.99
CA LEU B 11 -12.67 1.32 -15.06
C LEU B 11 -13.06 2.48 -15.96
N GLN B 12 -14.18 2.32 -16.67
CA GLN B 12 -14.70 3.35 -17.55
C GLN B 12 -15.98 3.91 -16.95
N ARG B 13 -15.99 5.22 -16.69
CA ARG B 13 -17.21 5.87 -16.24
C ARG B 13 -18.30 5.74 -17.29
N LYS B 14 -19.55 5.68 -16.82
CA LYS B 14 -20.72 5.68 -17.68
C LYS B 14 -21.52 6.93 -17.38
N GLU B 15 -21.82 7.69 -18.43
CA GLU B 15 -22.60 8.91 -18.29
C GLU B 15 -23.91 8.63 -17.55
N GLY B 16 -24.14 9.37 -16.48
CA GLY B 16 -25.30 9.17 -15.64
C GLY B 16 -25.09 8.24 -14.47
N HIS B 17 -23.94 7.56 -14.42
CA HIS B 17 -23.60 6.64 -13.34
C HIS B 17 -22.32 7.10 -12.66
N SER B 18 -22.20 6.78 -11.38
CA SER B 18 -20.98 6.99 -10.62
C SER B 18 -20.18 5.69 -10.56
N LEU B 19 -18.93 5.82 -10.08
CA LEU B 19 -18.07 4.65 -9.97
C LEU B 19 -18.76 3.53 -9.18
N GLY B 20 -19.49 3.90 -8.13
CA GLY B 20 -20.31 2.95 -7.41
C GLY B 20 -19.61 2.23 -6.27
N PHE B 21 -18.50 2.77 -5.77
CA PHE B 21 -17.85 2.21 -4.58
C PHE B 21 -17.55 3.34 -3.62
N SER B 22 -17.85 3.10 -2.35
CA SER B 22 -17.51 4.01 -1.27
C SER B 22 -16.13 3.66 -0.71
N ILE B 23 -15.49 4.65 -0.09
CA ILE B 23 -14.18 4.46 0.52
C ILE B 23 -14.24 4.91 1.96
N THR B 24 -13.29 4.38 2.75
CA THR B 24 -13.11 4.78 4.13
C THR B 24 -11.62 4.94 4.38
N GLY B 25 -11.29 5.53 5.52
CA GLY B 25 -9.90 5.76 5.88
C GLY B 25 -9.45 7.17 5.58
N GLY B 26 -8.15 7.32 5.41
CA GLY B 26 -7.56 8.62 5.19
C GLY B 26 -7.71 9.57 6.36
N PHE B 27 -7.62 9.04 7.58
CA PHE B 27 -7.77 9.85 8.79
C PHE B 27 -6.42 10.32 9.28
N LYS B 28 -6.40 11.50 9.89
CA LYS B 28 -5.16 12.07 10.36
C LYS B 28 -4.71 11.38 11.64
N GLN B 29 -3.48 10.88 11.63
CA GLN B 29 -2.90 10.17 12.76
C GLN B 29 -2.18 11.13 13.70
N ALA B 30 -1.95 10.67 14.92
CA ALA B 30 -1.26 11.50 15.91
C ALA B 30 0.14 11.89 15.44
N ASP B 31 0.79 11.03 14.65
CA ASP B 31 2.12 11.31 14.15
C ASP B 31 2.11 12.24 12.94
N GLY B 32 0.94 12.71 12.50
CA GLY B 32 0.83 13.64 11.41
C GLY B 32 0.49 13.02 10.08
N GLN B 33 0.75 11.72 9.90
CA GLN B 33 0.43 11.05 8.66
C GLN B 33 -1.07 10.73 8.60
N TYR B 34 -1.52 10.35 7.41
CA TYR B 34 -2.92 10.00 7.18
C TYR B 34 -3.03 8.50 6.94
N SER B 35 -4.00 7.87 7.60
CA SER B 35 -4.16 6.43 7.53
C SER B 35 -4.47 5.97 6.11
N GLY B 36 -4.32 4.67 5.88
CA GLY B 36 -4.60 4.11 4.57
C GLY B 36 -6.06 4.24 4.20
N ILE B 37 -6.30 4.25 2.89
CA ILE B 37 -7.64 4.39 2.32
C ILE B 37 -8.07 3.05 1.76
N TYR B 38 -9.25 2.60 2.17
CA TYR B 38 -9.78 1.29 1.80
C TYR B 38 -11.09 1.45 1.04
N ILE B 39 -11.42 0.43 0.26
CA ILE B 39 -12.75 0.30 -0.32
C ILE B 39 -13.67 -0.23 0.77
N SER B 40 -14.74 0.51 1.07
CA SER B 40 -15.68 0.13 2.10
C SER B 40 -16.79 -0.75 1.56
N LYS B 41 -17.42 -0.33 0.46
CA LYS B 41 -18.50 -1.10 -0.14
C LYS B 41 -18.51 -0.82 -1.64
N ILE B 42 -19.09 -1.76 -2.39
CA ILE B 42 -19.21 -1.67 -3.84
C ILE B 42 -20.65 -1.99 -4.20
N ALA B 43 -21.30 -1.08 -4.92
CA ALA B 43 -22.68 -1.28 -5.33
C ALA B 43 -22.80 -2.50 -6.22
N LYS B 44 -23.76 -3.37 -5.92
CA LYS B 44 -23.87 -4.64 -6.63
C LYS B 44 -23.95 -4.43 -8.14
N ASP B 45 -24.59 -3.35 -8.58
CA ASP B 45 -24.70 -3.00 -10.00
C ASP B 45 -23.93 -1.70 -10.21
N SER B 46 -22.69 -1.80 -10.66
CA SER B 46 -21.81 -0.65 -10.83
C SER B 46 -20.61 -1.08 -11.66
N ILE B 47 -19.86 -0.10 -12.14
CA ILE B 47 -18.74 -0.41 -13.03
C ILE B 47 -17.71 -1.26 -12.29
N ALA B 48 -17.44 -0.95 -11.03
CA ALA B 48 -16.47 -1.73 -10.28
C ALA B 48 -16.97 -3.14 -10.03
N ALA B 49 -18.25 -3.29 -9.68
CA ALA B 49 -18.80 -4.63 -9.45
C ALA B 49 -18.77 -5.45 -10.72
N VAL B 50 -19.19 -4.87 -11.84
CA VAL B 50 -19.16 -5.58 -13.12
C VAL B 50 -17.74 -5.95 -13.50
N ASP B 51 -16.80 -5.04 -13.27
CA ASP B 51 -15.39 -5.34 -13.51
C ASP B 51 -14.94 -6.55 -12.70
N GLY B 52 -15.29 -6.57 -11.41
CA GLY B 52 -15.07 -7.72 -10.56
C GLY B 52 -13.70 -7.85 -9.96
N LYS B 53 -12.72 -7.03 -10.37
CA LYS B 53 -11.38 -7.17 -9.83
C LYS B 53 -11.26 -6.61 -8.42
N LEU B 54 -11.85 -5.45 -8.17
CA LEU B 54 -11.76 -4.84 -6.85
C LEU B 54 -12.77 -5.50 -5.89
N SER B 55 -12.52 -5.30 -4.60
CA SER B 55 -13.37 -5.87 -3.57
C SER B 55 -13.29 -4.99 -2.33
N ALA B 56 -14.38 -4.99 -1.56
CA ALA B 56 -14.38 -4.27 -0.29
C ALA B 56 -13.30 -4.85 0.62
N GLY B 57 -12.61 -3.97 1.35
CA GLY B 57 -11.49 -4.34 2.16
C GLY B 57 -10.15 -4.12 1.49
N ASP B 58 -10.13 -4.00 0.16
CA ASP B 58 -8.90 -3.68 -0.55
C ASP B 58 -8.44 -2.29 -0.16
N ILE B 59 -7.12 -2.13 -0.03
CA ILE B 59 -6.52 -0.83 0.27
C ILE B 59 -6.12 -0.17 -1.05
N LEU B 60 -6.56 1.08 -1.24
CA LEU B 60 -6.22 1.81 -2.44
C LEU B 60 -4.83 2.41 -2.31
N LEU B 61 -3.96 2.08 -3.25
CA LEU B 61 -2.59 2.60 -3.26
C LEU B 61 -2.35 3.65 -4.33
N LYS B 62 -3.06 3.57 -5.46
CA LYS B 62 -2.81 4.49 -6.56
C LYS B 62 -4.09 4.67 -7.37
N ILE B 63 -4.36 5.90 -7.78
CA ILE B 63 -5.50 6.22 -8.63
C ILE B 63 -4.99 7.19 -9.70
N ASN B 64 -4.90 6.71 -10.94
CA ASN B 64 -4.46 7.52 -12.07
C ASN B 64 -3.21 8.32 -11.72
N ASP B 65 -2.14 7.58 -11.41
CA ASP B 65 -0.83 8.14 -11.13
C ASP B 65 -0.76 8.95 -9.84
N GLU B 66 -1.83 8.98 -9.06
CA GLU B 66 -1.86 9.71 -7.79
C GLU B 66 -1.83 8.69 -6.66
N SER B 67 -0.81 8.81 -5.79
CA SER B 67 -0.69 7.91 -4.66
C SER B 67 -1.77 8.19 -3.63
N MET B 68 -2.26 7.14 -2.99
CA MET B 68 -3.27 7.23 -1.94
C MET B 68 -2.69 7.01 -0.56
N THR B 69 -1.36 6.92 -0.43
CA THR B 69 -0.71 6.67 0.84
C THR B 69 -0.38 8.00 1.51
N ASN B 70 -0.80 8.15 2.77
CA ASN B 70 -0.60 9.38 3.51
C ASN B 70 -1.35 10.54 2.84
N VAL B 71 -2.60 10.27 2.47
CA VAL B 71 -3.44 11.27 1.79
C VAL B 71 -4.74 11.41 2.58
N PRO B 72 -5.23 12.62 2.84
CA PRO B 72 -6.47 12.77 3.59
C PRO B 72 -7.68 12.25 2.81
N HIS B 73 -8.72 11.91 3.56
CA HIS B 73 -9.92 11.31 2.95
C HIS B 73 -10.55 12.26 1.93
N SER B 74 -10.69 13.53 2.29
CA SER B 74 -11.33 14.48 1.39
C SER B 74 -10.58 14.58 0.06
N ARG B 75 -9.25 14.53 0.13
CA ARG B 75 -8.47 14.60 -1.11
C ARG B 75 -8.74 13.39 -1.99
N ALA B 76 -8.81 12.20 -1.39
CA ALA B 76 -9.11 11.01 -2.17
C ALA B 76 -10.49 11.08 -2.80
N VAL B 77 -11.47 11.61 -2.07
CA VAL B 77 -12.81 11.76 -2.65
C VAL B 77 -12.76 12.72 -3.83
N GLN B 78 -12.14 13.89 -3.63
CA GLN B 78 -12.07 14.87 -4.70
C GLN B 78 -11.32 14.34 -5.91
N MET B 79 -10.32 13.49 -5.69
CA MET B 79 -9.57 12.91 -6.80
C MET B 79 -10.34 11.79 -7.49
N LEU B 80 -11.22 11.10 -6.76
CA LEU B 80 -12.10 10.14 -7.39
C LEU B 80 -13.31 10.79 -8.04
N ARG B 81 -13.49 12.09 -7.85
CA ARG B 81 -14.52 12.86 -8.54
C ARG B 81 -13.97 13.73 -9.66
N SER B 82 -12.73 14.21 -9.52
CA SER B 82 -12.10 15.05 -10.53
C SER B 82 -11.33 14.23 -11.57
N GLU B 83 -11.57 12.93 -11.64
CA GLU B 83 -10.89 12.07 -12.58
C GLU B 83 -11.72 11.90 -13.85
N GLY B 84 -11.03 11.62 -14.96
CA GLY B 84 -11.68 11.49 -16.24
C GLY B 84 -12.48 10.20 -16.37
N LYS B 85 -12.86 9.91 -17.61
CA LYS B 85 -13.70 8.75 -17.88
C LYS B 85 -12.99 7.44 -17.57
N ILE B 86 -11.66 7.43 -17.59
CA ILE B 86 -10.88 6.21 -17.37
C ILE B 86 -10.15 6.36 -16.04
N ILE B 87 -10.36 5.40 -15.15
CA ILE B 87 -9.79 5.40 -13.81
C ILE B 87 -8.98 4.13 -13.65
N THR B 88 -7.65 4.27 -13.61
CA THR B 88 -6.76 3.14 -13.38
C THR B 88 -6.44 3.09 -11.89
N ILE B 89 -6.82 1.99 -11.23
CA ILE B 89 -6.70 1.84 -9.80
C ILE B 89 -5.73 0.71 -9.49
N VAL B 90 -4.84 0.96 -8.51
CA VAL B 90 -3.91 -0.03 -7.98
C VAL B 90 -4.19 -0.15 -6.49
N ALA B 91 -4.51 -1.37 -6.05
CA ALA B 91 -4.86 -1.65 -4.67
C ALA B 91 -4.17 -2.95 -4.25
N SER B 92 -4.28 -3.26 -2.96
CA SER B 92 -3.71 -4.49 -2.41
C SER B 92 -4.76 -5.19 -1.57
N ARG B 93 -4.84 -6.51 -1.73
CA ARG B 93 -5.79 -7.34 -1.01
C ARG B 93 -5.00 -8.29 -0.11
N GLN B 94 -5.16 -8.14 1.20
CA GLN B 94 -4.41 -8.92 2.16
C GLN B 94 -5.12 -10.24 2.46
N GLN B 95 -4.35 -11.31 2.54
CA GLN B 95 -4.87 -12.61 2.94
C GLN B 95 -3.79 -13.43 3.63
#